data_5OQ1
#
_entry.id   5OQ1
#
_cell.length_a   40.561
_cell.length_b   55.498
_cell.length_c   51.597
_cell.angle_alpha   90.00
_cell.angle_beta   90.16
_cell.angle_gamma   90.00
#
_symmetry.space_group_name_H-M   'P 1 21 1'
#
loop_
_entity.id
_entity.type
_entity.pdbx_description
1 polymer ChiX
2 non-polymer 'ZINC ION'
3 non-polymer 'CHLORIDE ION'
4 water water
#
_entity_poly.entity_id   1
_entity_poly.type   'polypeptide(L)'
_entity_poly.pdbx_seq_one_letter_code
;GPLGSLNDIEEIRFTARSEENLRGVHPDLVRVIRLALRYSLVPFSVSEGLRSMARQREMVRAGSSQTLRSRHLTGHAVDV
VAMPAGVVSWEWDYYAQIAVAVRRAARECGIIVEWGGEWKTLKDGPHFQLTFRDYPA
;
_entity_poly.pdbx_strand_id   A,B
#
loop_
_chem_comp.id
_chem_comp.type
_chem_comp.name
_chem_comp.formula
CL non-polymer 'CHLORIDE ION' 'Cl -1'
ZN non-polymer 'ZINC ION' 'Zn 2'
#
# COMPACT_ATOMS: atom_id res chain seq x y z
N SER A 5 -15.33 -21.66 -10.14
CA SER A 5 -14.13 -21.47 -10.98
C SER A 5 -12.96 -22.34 -10.54
N LEU A 6 -12.58 -22.22 -9.27
CA LEU A 6 -11.38 -22.90 -8.75
C LEU A 6 -11.67 -24.13 -7.86
N ASN A 7 -12.92 -24.59 -7.78
CA ASN A 7 -13.26 -25.70 -6.89
C ASN A 7 -12.49 -27.00 -7.17
N ASP A 8 -12.16 -27.25 -8.45
CA ASP A 8 -11.48 -28.49 -8.88
C ASP A 8 -9.97 -28.33 -9.08
N ILE A 9 -9.46 -27.14 -8.76
CA ILE A 9 -8.04 -26.86 -8.90
C ILE A 9 -7.38 -27.26 -7.58
N GLU A 10 -6.83 -28.45 -7.58
CA GLU A 10 -6.39 -29.03 -6.30
C GLU A 10 -5.18 -28.28 -5.71
N GLU A 11 -4.30 -27.74 -6.55
CA GLU A 11 -3.19 -26.89 -6.09
C GLU A 11 -3.18 -25.65 -6.96
N ILE A 12 -3.51 -24.51 -6.33
CA ILE A 12 -3.66 -23.24 -7.04
C ILE A 12 -2.30 -22.54 -7.11
N ARG A 13 -1.86 -22.27 -8.33
CA ARG A 13 -0.64 -21.53 -8.61
C ARG A 13 -0.88 -20.62 -9.78
N PHE A 14 -0.36 -19.40 -9.71
CA PHE A 14 -0.49 -18.42 -10.82
C PHE A 14 0.77 -18.37 -11.68
N THR A 15 1.11 -19.53 -12.24
CA THR A 15 2.31 -19.69 -13.04
C THR A 15 2.30 -18.78 -14.23
N ALA A 16 1.24 -18.88 -15.05
CA ALA A 16 1.23 -18.18 -16.34
C ALA A 16 1.23 -16.67 -16.11
N ARG A 17 0.43 -16.20 -15.16
CA ARG A 17 0.37 -14.77 -14.83
C ARG A 17 1.74 -14.26 -14.38
N SER A 18 2.41 -15.04 -13.56
CA SER A 18 3.70 -14.64 -13.03
C SER A 18 4.73 -14.60 -14.14
N GLU A 19 4.81 -15.65 -14.95
CA GLU A 19 5.80 -15.74 -16.02
C GLU A 19 5.66 -14.60 -16.99
N GLU A 20 4.43 -14.15 -17.23
CA GLU A 20 4.25 -13.02 -18.15
C GLU A 20 4.88 -11.74 -17.58
N ASN A 21 4.67 -11.48 -16.29
N ASN A 21 4.66 -11.47 -16.30
CA ASN A 21 5.19 -10.25 -15.65
CA ASN A 21 5.15 -10.25 -15.63
C ASN A 21 6.65 -10.34 -15.21
C ASN A 21 6.64 -10.35 -15.22
N LEU A 22 7.21 -11.53 -15.35
CA LEU A 22 8.64 -11.75 -15.15
C LEU A 22 9.46 -11.46 -16.41
N ARG A 23 8.80 -11.24 -17.54
CA ARG A 23 9.52 -10.94 -18.76
C ARG A 23 10.35 -9.66 -18.59
N GLY A 24 11.63 -9.79 -18.89
CA GLY A 24 12.60 -8.72 -18.74
C GLY A 24 13.27 -8.60 -17.39
N VAL A 25 12.85 -9.38 -16.41
CA VAL A 25 13.51 -9.43 -15.10
C VAL A 25 14.80 -10.25 -15.26
N HIS A 26 15.78 -9.92 -14.44
CA HIS A 26 17.07 -10.62 -14.47
C HIS A 26 16.84 -12.12 -14.38
N PRO A 27 17.45 -12.91 -15.28
N PRO A 27 17.49 -12.93 -15.23
CA PRO A 27 17.19 -14.32 -15.27
CA PRO A 27 17.16 -14.34 -15.23
C PRO A 27 17.40 -15.05 -13.96
C PRO A 27 17.37 -15.04 -13.93
N ASP A 28 18.33 -14.59 -13.13
CA ASP A 28 18.58 -15.24 -11.85
C ASP A 28 17.46 -15.01 -10.85
N LEU A 29 16.88 -13.80 -10.88
CA LEU A 29 15.70 -13.52 -10.07
C LEU A 29 14.47 -14.28 -10.58
N VAL A 30 14.35 -14.35 -11.89
CA VAL A 30 13.28 -15.16 -12.50
C VAL A 30 13.38 -16.60 -12.01
N ARG A 31 14.57 -17.15 -12.00
N ARG A 31 14.58 -17.16 -12.02
N ARG A 31 14.58 -17.16 -12.02
CA ARG A 31 14.74 -18.54 -11.60
CA ARG A 31 14.77 -18.55 -11.59
CA ARG A 31 14.77 -18.55 -11.61
C ARG A 31 14.29 -18.75 -10.16
C ARG A 31 14.30 -18.75 -10.15
C ARG A 31 14.30 -18.76 -10.15
N VAL A 32 14.65 -17.82 -9.28
CA VAL A 32 14.25 -17.92 -7.88
C VAL A 32 12.73 -17.81 -7.69
N ILE A 33 12.13 -16.83 -8.38
CA ILE A 33 10.70 -16.61 -8.23
C ILE A 33 9.91 -17.80 -8.79
N ARG A 34 10.36 -18.33 -9.91
N ARG A 34 10.34 -18.32 -9.92
CA ARG A 34 9.71 -19.51 -10.46
CA ARG A 34 9.66 -19.49 -10.50
C ARG A 34 9.76 -20.69 -9.51
C ARG A 34 9.67 -20.64 -9.57
N LEU A 35 10.89 -20.88 -8.82
N LEU A 35 10.80 -20.84 -8.89
CA LEU A 35 10.96 -21.97 -7.85
CA LEU A 35 10.90 -21.93 -7.90
C LEU A 35 10.06 -21.69 -6.65
C LEU A 35 10.01 -21.68 -6.69
N ALA A 36 10.00 -20.45 -6.22
CA ALA A 36 9.14 -20.06 -5.12
C ALA A 36 7.67 -20.31 -5.40
N LEU A 37 7.25 -20.21 -6.67
CA LEU A 37 5.88 -20.59 -7.04
C LEU A 37 5.58 -22.02 -6.67
N ARG A 38 6.59 -22.86 -6.76
CA ARG A 38 6.40 -24.26 -6.40
C ARG A 38 6.25 -24.54 -4.91
N TYR A 39 6.91 -23.73 -4.10
CA TYR A 39 7.04 -23.97 -2.67
C TYR A 39 6.04 -23.22 -1.79
N SER A 40 5.52 -22.10 -2.28
CA SER A 40 4.70 -21.25 -1.46
C SER A 40 3.36 -21.93 -1.13
N LEU A 41 2.93 -21.85 0.14
CA LEU A 41 1.61 -22.31 0.52
C LEU A 41 0.55 -21.36 0.03
N VAL A 42 0.99 -20.11 -0.19
CA VAL A 42 0.12 -19.01 -0.64
C VAL A 42 0.31 -18.75 -2.12
N PRO A 43 -0.75 -18.84 -2.92
CA PRO A 43 -0.59 -18.47 -4.32
C PRO A 43 -0.25 -17.02 -4.46
N PHE A 44 0.53 -16.71 -5.48
CA PHE A 44 0.92 -15.34 -5.76
C PHE A 44 1.21 -15.13 -7.23
N SER A 45 1.13 -13.86 -7.63
CA SER A 45 1.61 -13.46 -8.93
C SER A 45 2.63 -12.38 -8.74
N VAL A 46 3.28 -12.03 -9.82
CA VAL A 46 4.21 -10.89 -9.89
C VAL A 46 3.41 -9.74 -10.41
N SER A 47 3.20 -8.72 -9.60
CA SER A 47 2.38 -7.60 -10.03
C SER A 47 3.23 -6.57 -10.80
N GLU A 48 4.52 -6.48 -10.49
CA GLU A 48 5.42 -5.56 -11.18
C GLU A 48 6.81 -6.15 -11.18
N GLY A 49 7.37 -6.28 -12.36
CA GLY A 49 8.77 -6.69 -12.51
C GLY A 49 9.53 -5.46 -12.95
N LEU A 50 9.75 -5.38 -14.25
N LEU A 50 9.74 -5.35 -14.26
CA LEU A 50 10.37 -4.21 -14.83
CA LEU A 50 10.32 -4.15 -14.83
C LEU A 50 9.43 -3.00 -14.68
C LEU A 50 9.40 -2.99 -14.62
N ARG A 51 10.01 -1.86 -14.32
CA ARG A 51 9.30 -0.61 -14.15
C ARG A 51 9.92 0.36 -15.12
N SER A 52 9.08 1.16 -15.76
CA SER A 52 9.63 2.20 -16.65
C SER A 52 10.23 3.35 -15.86
N MET A 53 11.17 4.04 -16.49
N MET A 53 11.16 4.03 -16.50
CA MET A 53 11.67 5.27 -15.90
CA MET A 53 11.69 5.27 -15.99
C MET A 53 10.58 6.27 -15.65
C MET A 53 10.59 6.29 -15.69
N ALA A 54 9.60 6.38 -16.56
CA ALA A 54 8.54 7.34 -16.34
C ALA A 54 7.73 7.02 -15.08
N ARG A 55 7.46 5.75 -14.84
N ARG A 55 7.46 5.75 -14.84
CA ARG A 55 6.74 5.35 -13.61
CA ARG A 55 6.75 5.38 -13.62
C ARG A 55 7.56 5.68 -12.37
C ARG A 55 7.57 5.69 -12.37
N GLN A 56 8.86 5.44 -12.44
CA GLN A 56 9.72 5.75 -11.30
C GLN A 56 9.76 7.28 -11.05
N ARG A 57 9.77 8.03 -12.15
CA ARG A 57 9.75 9.50 -12.02
C ARG A 57 8.47 9.95 -11.36
N GLU A 58 7.39 9.28 -11.72
CA GLU A 58 6.09 9.62 -11.12
C GLU A 58 6.09 9.29 -9.61
N MET A 59 6.73 8.19 -9.23
CA MET A 59 6.82 7.81 -7.82
C MET A 59 7.63 8.81 -7.04
N VAL A 60 8.71 9.31 -7.65
CA VAL A 60 9.56 10.33 -6.98
C VAL A 60 8.78 11.63 -6.80
N ARG A 61 8.07 12.03 -7.86
N ARG A 61 8.10 12.03 -7.87
CA ARG A 61 7.25 13.25 -7.78
CA ARG A 61 7.31 13.25 -7.81
C ARG A 61 6.21 13.17 -6.70
C ARG A 61 6.20 13.17 -6.76
N ALA A 62 5.58 12.01 -6.60
CA ALA A 62 4.50 11.80 -5.63
C ALA A 62 4.98 11.50 -4.23
N GLY A 63 6.26 11.12 -4.08
CA GLY A 63 6.84 10.88 -2.81
C GLY A 63 6.89 9.45 -2.34
N SER A 64 6.58 8.49 -3.19
CA SER A 64 6.64 7.10 -2.76
C SER A 64 7.98 6.45 -3.03
N SER A 65 8.91 7.18 -3.63
CA SER A 65 10.33 6.81 -3.64
C SER A 65 11.14 8.09 -3.48
N GLN A 66 12.29 7.99 -2.82
CA GLN A 66 13.18 9.14 -2.73
C GLN A 66 14.04 9.34 -3.97
N THR A 67 14.29 8.29 -4.74
CA THR A 67 15.30 8.26 -5.82
C THR A 67 14.71 7.65 -7.07
N LEU A 68 15.26 8.09 -8.19
CA LEU A 68 15.01 7.52 -9.48
C LEU A 68 15.76 6.20 -9.66
N ARG A 69 16.76 5.93 -8.83
N ARG A 69 16.76 5.93 -8.83
CA ARG A 69 17.46 4.67 -8.84
CA ARG A 69 17.46 4.67 -8.84
C ARG A 69 16.55 3.65 -8.20
C ARG A 69 16.55 3.66 -8.19
N SER A 70 16.18 2.67 -8.97
CA SER A 70 15.35 1.55 -8.48
C SER A 70 15.86 0.27 -9.07
N ARG A 71 15.94 -0.76 -8.24
CA ARG A 71 16.21 -2.06 -8.77
C ARG A 71 15.16 -2.55 -9.79
N HIS A 72 13.95 -2.00 -9.74
CA HIS A 72 12.93 -2.41 -10.73
C HIS A 72 13.26 -1.95 -12.14
N LEU A 73 14.03 -0.86 -12.28
CA LEU A 73 14.29 -0.30 -13.59
C LEU A 73 15.21 -1.19 -14.41
N THR A 74 16.09 -1.90 -13.73
CA THR A 74 17.16 -2.65 -14.35
C THR A 74 16.88 -4.13 -14.43
N GLY A 75 15.74 -4.58 -13.88
CA GLY A 75 15.39 -5.99 -13.92
C GLY A 75 15.68 -6.74 -12.63
N HIS A 76 16.08 -6.03 -11.56
CA HIS A 76 16.61 -6.69 -10.39
C HIS A 76 15.57 -6.84 -9.25
N ALA A 77 14.31 -6.50 -9.49
CA ALA A 77 13.30 -6.58 -8.44
C ALA A 77 11.95 -6.98 -8.98
N VAL A 78 11.15 -7.58 -8.11
CA VAL A 78 9.76 -7.85 -8.36
C VAL A 78 8.93 -7.45 -7.13
N ASP A 79 7.70 -7.04 -7.41
CA ASP A 79 6.70 -6.92 -6.39
C ASP A 79 5.71 -8.06 -6.65
N VAL A 80 5.43 -8.83 -5.63
CA VAL A 80 4.47 -9.91 -5.72
C VAL A 80 3.15 -9.46 -5.12
N VAL A 81 2.09 -10.17 -5.52
CA VAL A 81 0.76 -9.97 -4.98
C VAL A 81 0.18 -11.33 -4.57
N ALA A 82 -0.23 -11.41 -3.32
CA ALA A 82 -0.80 -12.63 -2.79
C ALA A 82 -2.21 -12.83 -3.36
N MET A 83 -2.47 -14.05 -3.81
N MET A 83 -2.48 -14.06 -3.80
CA MET A 83 -3.73 -14.42 -4.46
CA MET A 83 -3.72 -14.43 -4.47
C MET A 83 -4.42 -15.63 -3.80
C MET A 83 -4.40 -15.63 -3.81
N PRO A 84 -4.59 -15.59 -2.48
CA PRO A 84 -5.28 -16.72 -1.84
C PRO A 84 -6.64 -17.01 -2.45
N ALA A 85 -6.81 -18.26 -2.89
CA ALA A 85 -8.07 -18.67 -3.52
C ALA A 85 -8.45 -17.79 -4.72
N GLY A 86 -7.41 -17.24 -5.36
CA GLY A 86 -7.58 -16.42 -6.53
C GLY A 86 -8.01 -14.99 -6.31
N VAL A 87 -7.96 -14.52 -5.07
CA VAL A 87 -8.42 -13.16 -4.70
C VAL A 87 -7.20 -12.43 -4.16
N VAL A 88 -6.95 -11.24 -4.67
CA VAL A 88 -5.87 -10.40 -4.15
C VAL A 88 -6.08 -10.13 -2.66
N SER A 89 -5.00 -10.25 -1.90
CA SER A 89 -4.97 -9.82 -0.51
C SER A 89 -3.67 -9.07 -0.24
N TRP A 90 -3.76 -8.05 0.59
CA TRP A 90 -2.59 -7.30 1.06
C TRP A 90 -2.21 -7.64 2.50
N GLU A 91 -2.82 -8.67 3.10
CA GLU A 91 -2.56 -8.97 4.51
C GLU A 91 -1.14 -9.49 4.69
N TRP A 92 -0.46 -8.98 5.70
CA TRP A 92 0.97 -9.23 5.93
C TRP A 92 1.33 -10.70 5.95
N ASP A 93 0.56 -11.52 6.69
CA ASP A 93 0.94 -12.89 6.89
C ASP A 93 1.08 -13.69 5.58
N TYR A 94 0.30 -13.33 4.57
CA TYR A 94 0.44 -13.98 3.26
C TYR A 94 1.82 -13.70 2.69
N TYR A 95 2.27 -12.45 2.80
CA TYR A 95 3.59 -12.07 2.27
C TYR A 95 4.72 -12.73 3.03
N ALA A 96 4.54 -12.89 4.34
CA ALA A 96 5.54 -13.62 5.13
C ALA A 96 5.66 -15.05 4.64
N GLN A 97 4.51 -15.66 4.33
CA GLN A 97 4.55 -17.02 3.80
C GLN A 97 5.19 -17.13 2.43
N ILE A 98 4.89 -16.17 1.56
CA ILE A 98 5.55 -16.10 0.25
C ILE A 98 7.08 -15.97 0.47
N ALA A 99 7.48 -15.15 1.43
CA ALA A 99 8.90 -14.92 1.66
C ALA A 99 9.60 -16.19 2.14
N VAL A 100 8.90 -17.06 2.88
CA VAL A 100 9.51 -18.35 3.25
C VAL A 100 9.89 -19.12 1.98
N ALA A 101 8.97 -19.14 1.03
CA ALA A 101 9.23 -19.83 -0.21
C ALA A 101 10.35 -19.18 -1.04
N VAL A 102 10.35 -17.87 -1.12
CA VAL A 102 11.41 -17.19 -1.83
C VAL A 102 12.77 -17.43 -1.17
N ARG A 103 12.80 -17.38 0.17
CA ARG A 103 14.04 -17.61 0.91
C ARG A 103 14.56 -19.00 0.66
N ARG A 104 13.67 -19.99 0.60
CA ARG A 104 14.10 -21.37 0.31
C ARG A 104 14.65 -21.46 -1.10
N ALA A 105 13.86 -20.96 -2.07
CA ALA A 105 14.30 -21.00 -3.45
C ALA A 105 15.65 -20.30 -3.65
N ALA A 106 15.79 -19.14 -3.02
CA ALA A 106 17.00 -18.38 -3.14
C ALA A 106 18.19 -19.16 -2.63
N ARG A 107 18.04 -19.74 -1.45
N ARG A 107 18.06 -19.73 -1.43
CA ARG A 107 19.08 -20.55 -0.88
CA ARG A 107 19.18 -20.49 -0.90
C ARG A 107 19.50 -21.70 -1.76
C ARG A 107 19.52 -21.72 -1.74
N GLU A 108 18.51 -22.40 -2.30
CA GLU A 108 18.79 -23.52 -3.18
C GLU A 108 19.57 -23.10 -4.42
N CYS A 109 19.28 -21.90 -4.90
CA CYS A 109 19.96 -21.34 -6.08
C CYS A 109 21.29 -20.64 -5.78
N GLY A 110 21.64 -20.50 -4.50
CA GLY A 110 22.85 -19.85 -4.09
C GLY A 110 22.87 -18.36 -4.36
N ILE A 111 21.71 -17.74 -4.21
CA ILE A 111 21.50 -16.30 -4.48
C ILE A 111 20.79 -15.68 -3.30
N ILE A 112 21.33 -14.59 -2.77
CA ILE A 112 20.64 -13.84 -1.72
C ILE A 112 19.55 -13.00 -2.37
N VAL A 113 18.34 -13.09 -1.86
CA VAL A 113 17.27 -12.21 -2.33
C VAL A 113 16.77 -11.40 -1.14
N GLU A 114 16.83 -10.10 -1.22
CA GLU A 114 16.38 -9.23 -0.15
C GLU A 114 14.88 -9.05 -0.24
N TRP A 115 14.22 -9.08 0.89
CA TRP A 115 12.77 -8.95 1.02
C TRP A 115 12.42 -7.64 1.72
N GLY A 116 11.45 -6.90 1.18
CA GLY A 116 10.98 -5.69 1.80
C GLY A 116 10.38 -5.90 3.16
N GLY A 117 9.99 -7.13 3.49
CA GLY A 117 9.53 -7.41 4.86
C GLY A 117 10.61 -7.38 5.90
N GLU A 118 11.86 -7.30 5.45
CA GLU A 118 13.01 -7.15 6.33
C GLU A 118 13.74 -5.80 6.12
N TRP A 119 13.08 -4.83 5.49
CA TRP A 119 13.59 -3.48 5.47
C TRP A 119 13.70 -3.00 6.90
N LYS A 120 14.66 -2.12 7.14
CA LYS A 120 14.95 -1.64 8.50
C LYS A 120 13.79 -0.81 9.05
N THR A 121 13.08 -0.14 8.16
N THR A 121 13.07 -0.15 8.16
CA THR A 121 11.86 0.59 8.51
CA THR A 121 11.86 0.60 8.51
C THR A 121 10.85 0.42 7.39
C THR A 121 10.85 0.43 7.39
N LEU A 122 9.60 0.78 7.68
CA LEU A 122 8.51 0.77 6.70
C LEU A 122 8.45 -0.54 5.92
N LYS A 123 8.54 -1.63 6.66
CA LYS A 123 8.49 -2.97 6.06
C LYS A 123 7.28 -3.12 5.19
N ASP A 124 7.45 -3.72 4.02
CA ASP A 124 6.32 -3.97 3.12
C ASP A 124 6.55 -5.31 2.42
N GLY A 125 5.51 -6.11 2.39
CA GLY A 125 5.60 -7.47 1.97
C GLY A 125 5.87 -7.78 0.51
N PRO A 126 5.44 -6.92 -0.46
CA PRO A 126 5.58 -7.34 -1.84
C PRO A 126 6.94 -7.42 -2.46
N HIS A 127 7.89 -6.65 -1.96
CA HIS A 127 9.12 -6.39 -2.72
C HIS A 127 10.25 -7.40 -2.46
N PHE A 128 10.83 -7.91 -3.54
CA PHE A 128 12.01 -8.77 -3.46
C PHE A 128 13.01 -8.23 -4.46
N GLN A 129 14.31 -8.33 -4.14
CA GLN A 129 15.33 -7.92 -5.11
C GLN A 129 16.60 -8.67 -4.96
N LEU A 130 17.36 -8.70 -6.06
CA LEU A 130 18.74 -9.06 -6.01
C LEU A 130 19.57 -7.95 -5.36
N THR A 131 20.60 -8.30 -4.63
CA THR A 131 21.41 -7.30 -3.93
C THR A 131 22.29 -6.51 -4.86
N PHE A 132 22.51 -5.26 -4.51
CA PHE A 132 23.51 -4.46 -5.22
C PHE A 132 24.93 -5.06 -5.12
N ARG A 133 25.28 -5.64 -3.96
N ARG A 133 25.27 -5.62 -3.96
CA ARG A 133 26.61 -6.22 -3.77
CA ARG A 133 26.59 -6.20 -3.77
C ARG A 133 26.85 -7.37 -4.75
C ARG A 133 26.84 -7.36 -4.76
N ASP A 134 25.84 -8.22 -4.97
CA ASP A 134 26.00 -9.40 -5.86
C ASP A 134 25.77 -9.08 -7.30
N TYR A 135 24.85 -8.14 -7.55
CA TYR A 135 24.36 -7.82 -8.86
C TYR A 135 24.40 -6.33 -9.00
N PRO A 136 25.60 -5.76 -9.19
CA PRO A 136 25.69 -4.35 -9.31
C PRO A 136 24.99 -3.83 -10.59
N ALA A 137 24.62 -2.58 -10.52
CA ALA A 137 24.19 -1.87 -11.72
C ALA A 137 24.41 -0.36 -11.56
N SER B 5 17.56 7.83 5.66
CA SER B 5 16.94 6.59 6.19
C SER B 5 16.03 5.88 5.19
N LEU B 6 15.48 6.58 4.19
CA LEU B 6 14.53 5.95 3.23
C LEU B 6 15.12 5.64 1.84
N ASN B 7 16.44 5.78 1.67
CA ASN B 7 17.05 5.57 0.35
C ASN B 7 16.83 4.17 -0.25
N ASP B 8 16.76 3.15 0.61
CA ASP B 8 16.59 1.74 0.21
C ASP B 8 15.15 1.22 0.28
N ILE B 9 14.21 2.10 0.62
CA ILE B 9 12.80 1.76 0.74
C ILE B 9 12.20 2.00 -0.66
N GLU B 10 12.11 0.94 -1.44
CA GLU B 10 11.75 1.08 -2.83
C GLU B 10 10.33 1.56 -3.04
N GLU B 11 9.42 1.19 -2.16
CA GLU B 11 8.05 1.73 -2.18
C GLU B 11 7.69 2.13 -0.76
N ILE B 12 7.51 3.44 -0.54
CA ILE B 12 7.24 4.02 0.77
C ILE B 12 5.75 4.01 1.06
N ARG B 13 5.39 3.35 2.16
CA ARG B 13 4.03 3.31 2.66
C ARG B 13 4.07 3.32 4.18
N PHE B 14 3.17 4.09 4.75
CA PHE B 14 3.05 4.20 6.21
C PHE B 14 1.97 3.32 6.81
N THR B 15 2.08 2.02 6.54
CA THR B 15 1.10 1.03 6.97
C THR B 15 0.94 0.99 8.48
N ALA B 16 2.06 0.78 9.18
CA ALA B 16 2.02 0.55 10.63
C ALA B 16 1.55 1.83 11.35
N ARG B 17 2.07 2.97 10.92
CA ARG B 17 1.63 4.23 11.51
C ARG B 17 0.13 4.44 11.34
N SER B 18 -0.37 4.10 10.15
CA SER B 18 -1.80 4.29 9.87
C SER B 18 -2.64 3.38 10.73
N GLU B 19 -2.20 2.14 10.83
CA GLU B 19 -2.91 1.19 11.64
C GLU B 19 -3.11 1.65 13.07
N GLU B 20 -2.13 2.34 13.65
CA GLU B 20 -2.23 2.74 15.08
C GLU B 20 -3.44 3.64 15.24
N ASN B 21 -3.55 4.60 14.33
CA ASN B 21 -4.55 5.60 14.44
C ASN B 21 -5.88 5.20 13.82
N LEU B 22 -5.92 4.07 13.16
CA LEU B 22 -7.17 3.42 12.77
C LEU B 22 -7.84 2.62 13.85
N ARG B 23 -7.18 2.38 14.98
N ARG B 23 -7.19 2.44 15.00
CA ARG B 23 -7.79 1.59 16.03
CA ARG B 23 -7.78 1.69 16.11
C ARG B 23 -9.06 2.29 16.52
C ARG B 23 -9.09 2.31 16.58
N GLY B 24 -10.15 1.52 16.56
CA GLY B 24 -11.46 2.00 16.96
C GLY B 24 -12.29 2.65 15.87
N VAL B 25 -11.73 2.82 14.68
CA VAL B 25 -12.48 3.35 13.56
C VAL B 25 -13.38 2.21 13.05
N HIS B 26 -14.48 2.60 12.42
CA HIS B 26 -15.44 1.65 11.87
C HIS B 26 -14.70 0.68 10.95
N PRO B 27 -14.90 -0.64 11.09
CA PRO B 27 -14.15 -1.59 10.28
C PRO B 27 -14.23 -1.37 8.80
N ASP B 28 -15.36 -0.87 8.30
CA ASP B 28 -15.56 -0.72 6.86
C ASP B 28 -14.67 0.43 6.38
N LEU B 29 -14.60 1.51 7.16
CA LEU B 29 -13.69 2.59 6.83
C LEU B 29 -12.23 2.16 6.93
N VAL B 30 -11.92 1.39 7.97
CA VAL B 30 -10.57 0.83 8.06
C VAL B 30 -10.19 0.02 6.81
N ARG B 31 -11.12 -0.80 6.35
N ARG B 31 -11.10 -0.84 6.36
CA ARG B 31 -10.84 -1.62 5.17
CA ARG B 31 -10.84 -1.65 5.16
C ARG B 31 -10.53 -0.75 3.96
C ARG B 31 -10.55 -0.78 3.92
N VAL B 32 -11.32 0.29 3.76
CA VAL B 32 -11.14 1.17 2.63
C VAL B 32 -9.78 1.90 2.71
N ILE B 33 -9.49 2.45 3.88
CA ILE B 33 -8.22 3.17 4.03
C ILE B 33 -7.01 2.24 3.82
N ARG B 34 -7.09 1.04 4.35
CA ARG B 34 -6.02 0.09 4.16
C ARG B 34 -5.76 -0.18 2.71
N LEU B 35 -6.83 -0.31 1.95
N LEU B 35 -6.80 -0.32 1.89
CA LEU B 35 -6.69 -0.53 0.54
CA LEU B 35 -6.61 -0.48 0.43
C LEU B 35 -6.12 0.71 -0.17
C LEU B 35 -6.06 0.75 -0.22
N ALA B 36 -6.57 1.89 0.24
CA ALA B 36 -6.05 3.12 -0.31
C ALA B 36 -4.56 3.29 -0.10
N LEU B 37 -4.03 2.77 1.02
CA LEU B 37 -2.56 2.76 1.21
C LEU B 37 -1.83 2.02 0.11
N ARG B 38 -2.45 0.98 -0.41
CA ARG B 38 -1.85 0.25 -1.51
C ARG B 38 -1.85 1.00 -2.83
N TYR B 39 -2.87 1.83 -3.04
CA TYR B 39 -3.13 2.44 -4.34
C TYR B 39 -2.53 3.81 -4.51
N SER B 40 -2.33 4.50 -3.39
CA SER B 40 -1.88 5.86 -3.46
C SER B 40 -0.37 5.91 -3.81
N LEU B 41 0.01 6.72 -4.80
N LEU B 41 0.05 6.66 -4.84
CA LEU B 41 1.42 6.95 -5.06
CA LEU B 41 1.50 6.92 -5.01
C LEU B 41 1.96 8.00 -4.07
C LEU B 41 1.99 8.07 -4.13
N VAL B 42 1.08 8.75 -3.42
CA VAL B 42 1.46 9.67 -2.36
C VAL B 42 1.38 8.93 -1.01
N PRO B 43 2.50 8.69 -0.33
CA PRO B 43 2.42 8.08 0.98
C PRO B 43 1.59 8.94 1.92
N PHE B 44 0.89 8.30 2.86
CA PHE B 44 0.10 9.03 3.84
C PHE B 44 -0.09 8.18 5.11
N SER B 45 -0.40 8.86 6.21
CA SER B 45 -0.79 8.21 7.45
C SER B 45 -2.12 8.76 7.86
N VAL B 46 -2.70 8.14 8.87
CA VAL B 46 -3.92 8.63 9.49
C VAL B 46 -3.51 9.47 10.70
N SER B 47 -3.79 10.77 10.67
CA SER B 47 -3.39 11.63 11.77
C SER B 47 -4.43 11.64 12.89
N GLU B 48 -5.69 11.35 12.57
CA GLU B 48 -6.75 11.32 13.57
C GLU B 48 -7.86 10.39 13.10
N GLY B 49 -8.22 9.45 13.94
CA GLY B 49 -9.38 8.60 13.68
C GLY B 49 -10.44 8.96 14.68
N LEU B 50 -10.50 8.20 15.77
CA LEU B 50 -11.38 8.58 16.85
C LEU B 50 -10.91 9.88 17.51
N ARG B 51 -11.87 10.68 17.89
CA ARG B 51 -11.65 11.95 18.58
C ARG B 51 -12.41 11.91 19.89
N SER B 52 -11.82 12.50 20.93
CA SER B 52 -12.50 12.56 22.24
C SER B 52 -13.55 13.66 22.27
N MET B 53 -14.53 13.50 23.15
N MET B 53 -14.48 13.54 23.21
CA MET B 53 -15.50 14.56 23.42
CA MET B 53 -15.50 14.58 23.42
C MET B 53 -14.83 15.87 23.85
C MET B 53 -14.91 15.88 23.98
N ALA B 54 -13.79 15.79 24.68
CA ALA B 54 -13.12 17.00 25.17
C ALA B 54 -12.51 17.77 23.99
N ARG B 55 -11.89 17.05 23.07
CA ARG B 55 -11.35 17.70 21.90
C ARG B 55 -12.43 18.30 21.03
N GLN B 56 -13.53 17.57 20.84
CA GLN B 56 -14.61 18.13 20.04
C GLN B 56 -15.22 19.38 20.69
N ARG B 57 -15.43 19.33 22.00
CA ARG B 57 -15.93 20.49 22.73
C ARG B 57 -15.01 21.67 22.52
N GLU B 58 -13.71 21.41 22.60
CA GLU B 58 -12.73 22.49 22.42
C GLU B 58 -12.84 23.11 21.00
N MET B 59 -13.01 22.23 20.00
N MET B 59 -13.00 22.26 19.98
CA MET B 59 -13.18 22.70 18.64
CA MET B 59 -13.17 22.76 18.62
C MET B 59 -14.42 23.61 18.52
C MET B 59 -14.46 23.58 18.44
N VAL B 60 -15.50 23.20 19.15
CA VAL B 60 -16.71 24.02 19.14
C VAL B 60 -16.49 25.36 19.85
N ARG B 61 -15.87 25.33 21.03
CA ARG B 61 -15.57 26.60 21.71
C ARG B 61 -14.71 27.55 20.90
N ALA B 62 -13.72 26.99 20.21
CA ALA B 62 -12.77 27.76 19.43
C ALA B 62 -13.29 28.14 18.06
N GLY B 63 -14.36 27.47 17.62
CA GLY B 63 -15.00 27.77 16.39
C GLY B 63 -14.55 26.98 15.16
N SER B 64 -13.76 25.90 15.33
CA SER B 64 -13.37 25.09 14.21
C SER B 64 -14.35 23.96 13.91
N SER B 65 -15.37 23.79 14.73
CA SER B 65 -16.58 23.04 14.36
C SER B 65 -17.78 23.81 14.83
N GLN B 66 -18.88 23.68 14.10
N GLN B 66 -18.87 23.78 14.06
CA GLN B 66 -20.11 24.27 14.58
CA GLN B 66 -20.11 24.46 14.47
C GLN B 66 -20.86 23.40 15.59
C GLN B 66 -20.84 23.69 15.59
N THR B 67 -20.60 22.09 15.60
N THR B 67 -20.61 22.36 15.58
CA THR B 67 -21.40 21.15 16.37
CA THR B 67 -21.40 21.30 16.32
C THR B 67 -20.53 20.14 17.07
C THR B 67 -20.56 20.23 17.07
N LEU B 68 -21.08 19.65 18.18
CA LEU B 68 -20.45 18.58 18.91
C LEU B 68 -20.63 17.21 18.21
N ARG B 69 -21.58 17.15 17.28
CA ARG B 69 -21.78 15.97 16.48
C ARG B 69 -20.65 15.91 15.47
N SER B 70 -19.89 14.86 15.54
CA SER B 70 -18.81 14.63 14.61
C SER B 70 -18.73 13.15 14.26
N ARG B 71 -18.56 12.86 12.98
CA ARG B 71 -18.29 11.53 12.57
C ARG B 71 -17.04 10.94 13.24
N HIS B 72 -16.08 11.80 13.62
CA HIS B 72 -14.90 11.29 14.33
C HIS B 72 -15.18 10.69 15.70
N LEU B 73 -16.22 11.16 16.38
CA LEU B 73 -16.53 10.67 17.72
C LEU B 73 -17.02 9.25 17.74
N THR B 74 -17.63 8.83 16.64
CA THR B 74 -18.29 7.50 16.60
C THR B 74 -17.50 6.45 15.80
N GLY B 75 -16.37 6.85 15.21
CA GLY B 75 -15.55 5.93 14.43
C GLY B 75 -15.73 6.02 12.92
N HIS B 76 -16.50 7.00 12.46
CA HIS B 76 -16.90 7.07 11.05
C HIS B 76 -16.06 8.02 10.22
N ALA B 77 -14.94 8.53 10.73
CA ALA B 77 -14.09 9.47 9.98
C ALA B 77 -12.64 9.31 10.31
N VAL B 78 -11.82 9.66 9.32
CA VAL B 78 -10.40 9.80 9.54
C VAL B 78 -9.94 11.10 8.90
N ASP B 79 -8.85 11.66 9.45
CA ASP B 79 -8.07 12.69 8.80
C ASP B 79 -6.74 12.07 8.46
N VAL B 80 -6.35 12.24 7.22
CA VAL B 80 -5.07 11.74 6.75
C VAL B 80 -4.05 12.87 6.66
N VAL B 81 -2.78 12.48 6.66
CA VAL B 81 -1.71 13.40 6.47
C VAL B 81 -0.78 12.84 5.40
N ALA B 82 -0.51 13.68 4.40
CA ALA B 82 0.36 13.31 3.31
C ALA B 82 1.79 13.31 3.80
N MET B 83 2.51 12.25 3.39
N MET B 83 2.54 12.28 3.43
CA MET B 83 3.91 12.02 3.83
CA MET B 83 3.95 12.20 3.86
C MET B 83 4.89 11.77 2.67
C MET B 83 4.89 11.83 2.73
N PRO B 84 4.91 12.66 1.68
CA PRO B 84 5.82 12.43 0.56
C PRO B 84 7.28 12.33 1.01
N ALA B 85 7.95 11.25 0.63
CA ALA B 85 9.32 11.01 1.03
C ALA B 85 9.50 11.06 2.56
N GLY B 86 8.43 10.72 3.27
CA GLY B 86 8.46 10.69 4.71
C GLY B 86 8.36 12.03 5.43
N VAL B 87 7.99 13.08 4.69
CA VAL B 87 7.89 14.43 5.25
C VAL B 87 6.45 14.88 5.14
N VAL B 88 5.87 15.34 6.24
CA VAL B 88 4.51 15.88 6.24
C VAL B 88 4.40 17.01 5.20
N SER B 89 3.35 16.99 4.41
CA SER B 89 2.98 18.12 3.56
C SER B 89 1.51 18.38 3.69
N TRP B 90 1.15 19.64 3.67
CA TRP B 90 -0.25 20.08 3.63
C TRP B 90 -0.71 20.56 2.28
N GLU B 91 0.11 20.40 1.25
CA GLU B 91 -0.22 20.91 -0.07
C GLU B 91 -1.40 20.14 -0.65
N TRP B 92 -2.31 20.88 -1.23
CA TRP B 92 -3.60 20.36 -1.69
C TRP B 92 -3.46 19.20 -2.64
N ASP B 93 -2.59 19.32 -3.64
CA ASP B 93 -2.57 18.28 -4.65
C ASP B 93 -2.24 16.88 -4.14
N TYR B 94 -1.48 16.80 -3.03
CA TYR B 94 -1.22 15.51 -2.41
C TYR B 94 -2.53 14.87 -1.91
N TYR B 95 -3.38 15.69 -1.28
CA TYR B 95 -4.65 15.19 -0.82
C TYR B 95 -5.58 14.83 -1.96
N ALA B 96 -5.55 15.59 -3.06
CA ALA B 96 -6.35 15.21 -4.21
C ALA B 96 -5.94 13.82 -4.74
N GLN B 97 -4.64 13.55 -4.73
CA GLN B 97 -4.13 12.26 -5.16
C GLN B 97 -4.54 11.16 -4.19
N ILE B 98 -4.43 11.44 -2.90
CA ILE B 98 -4.83 10.45 -1.89
C ILE B 98 -6.31 10.12 -2.09
N ALA B 99 -7.10 11.17 -2.34
CA ALA B 99 -8.56 10.97 -2.56
C ALA B 99 -8.88 10.08 -3.74
N VAL B 100 -8.08 10.13 -4.80
CA VAL B 100 -8.29 9.20 -5.91
C VAL B 100 -8.16 7.76 -5.42
N ALA B 101 -7.13 7.54 -4.61
CA ALA B 101 -6.87 6.19 -4.09
C ALA B 101 -7.97 5.73 -3.15
N VAL B 102 -8.42 6.62 -2.29
CA VAL B 102 -9.54 6.31 -1.40
C VAL B 102 -10.80 6.00 -2.19
N ARG B 103 -11.07 6.80 -3.23
N ARG B 103 -11.18 6.79 -3.19
CA ARG B 103 -12.23 6.59 -4.09
CA ARG B 103 -12.44 6.49 -3.88
C ARG B 103 -12.19 5.28 -4.85
C ARG B 103 -12.34 5.19 -4.65
N ARG B 104 -11.01 4.87 -5.33
N ARG B 104 -11.16 4.98 -5.21
CA ARG B 104 -10.86 3.57 -5.98
CA ARG B 104 -10.84 3.72 -5.90
C ARG B 104 -11.16 2.47 -4.95
C ARG B 104 -11.09 2.51 -4.99
N ALA B 105 -10.57 2.58 -3.78
CA ALA B 105 -10.80 1.58 -2.73
C ALA B 105 -12.25 1.52 -2.29
N ALA B 106 -12.84 2.68 -2.13
CA ALA B 106 -14.22 2.76 -1.71
C ALA B 106 -15.17 2.10 -2.72
N ARG B 107 -14.97 2.41 -3.99
N ARG B 107 -14.96 2.36 -3.97
N ARG B 107 -15.00 2.41 -4.00
CA ARG B 107 -15.79 1.81 -5.04
CA ARG B 107 -15.81 1.80 -5.02
CA ARG B 107 -15.82 1.77 -5.06
C ARG B 107 -15.63 0.29 -5.07
C ARG B 107 -15.64 0.28 -5.07
C ARG B 107 -15.66 0.28 -5.04
N GLU B 108 -14.42 -0.21 -4.92
CA GLU B 108 -14.15 -1.65 -4.91
C GLU B 108 -14.87 -2.34 -3.77
N CYS B 109 -14.97 -1.64 -2.65
CA CYS B 109 -15.65 -2.17 -1.45
C CYS B 109 -17.13 -1.90 -1.41
N GLY B 110 -17.66 -1.19 -2.39
CA GLY B 110 -19.09 -0.89 -2.45
C GLY B 110 -19.56 0.09 -1.40
N ILE B 111 -18.71 1.06 -1.06
CA ILE B 111 -18.96 2.02 0.02
C ILE B 111 -18.73 3.43 -0.55
N ILE B 112 -19.57 4.39 -0.14
CA ILE B 112 -19.32 5.80 -0.44
C ILE B 112 -18.53 6.37 0.73
N VAL B 113 -17.35 6.94 0.41
CA VAL B 113 -16.53 7.65 1.39
C VAL B 113 -16.48 9.08 0.94
N GLU B 114 -17.11 9.94 1.72
CA GLU B 114 -17.08 11.38 1.42
C GLU B 114 -15.73 11.97 1.75
N TRP B 115 -15.28 12.93 0.92
CA TRP B 115 -13.98 13.58 1.08
C TRP B 115 -14.22 15.06 1.35
N GLY B 116 -13.51 15.59 2.36
CA GLY B 116 -13.59 17.01 2.65
C GLY B 116 -13.09 17.91 1.55
N GLY B 117 -12.31 17.39 0.64
CA GLY B 117 -11.93 18.16 -0.53
C GLY B 117 -13.11 18.46 -1.43
N GLU B 118 -14.24 17.79 -1.21
CA GLU B 118 -15.47 18.01 -1.94
C GLU B 118 -16.60 18.48 -1.04
N TRP B 119 -16.24 19.12 0.07
CA TRP B 119 -17.22 19.86 0.87
C TRP B 119 -17.69 20.97 -0.02
N LYS B 120 -18.93 21.41 0.24
CA LYS B 120 -19.59 22.44 -0.56
C LYS B 120 -18.88 23.79 -0.43
N THR B 121 -18.29 24.01 0.74
CA THR B 121 -17.47 25.20 1.02
C THR B 121 -16.31 24.79 1.89
N LEU B 122 -15.30 25.65 1.96
CA LEU B 122 -14.15 25.48 2.84
C LEU B 122 -13.52 24.10 2.71
N LYS B 123 -13.33 23.70 1.49
CA LYS B 123 -12.74 22.40 1.18
C LYS B 123 -11.42 22.20 1.90
N ASP B 124 -11.21 20.99 2.44
CA ASP B 124 -9.99 20.66 3.16
C ASP B 124 -9.66 19.20 2.92
N GLY B 125 -8.43 18.95 2.53
CA GLY B 125 -8.00 17.69 2.03
C GLY B 125 -7.97 16.50 2.97
N PRO B 126 -7.69 16.72 4.29
CA PRO B 126 -7.50 15.50 5.09
C PRO B 126 -8.68 14.60 5.39
N HIS B 127 -9.88 15.15 5.39
CA HIS B 127 -11.01 14.46 6.02
C HIS B 127 -11.73 13.49 5.05
N PHE B 128 -11.95 12.27 5.54
CA PHE B 128 -12.76 11.26 4.85
C PHE B 128 -13.75 10.67 5.84
N GLN B 129 -14.97 10.40 5.42
CA GLN B 129 -15.95 9.78 6.30
C GLN B 129 -16.91 8.87 5.57
N LEU B 130 -17.43 7.92 6.31
CA LEU B 130 -18.63 7.18 5.89
C LEU B 130 -19.82 8.11 5.94
N THR B 131 -20.77 7.89 5.04
CA THR B 131 -21.95 8.74 4.97
C THR B 131 -22.92 8.45 6.12
N PHE B 132 -23.61 9.48 6.56
CA PHE B 132 -24.70 9.29 7.52
C PHE B 132 -25.82 8.45 6.95
N ARG B 133 -26.10 8.59 5.65
CA ARG B 133 -27.19 7.78 5.08
C ARG B 133 -26.91 6.31 5.14
N ASP B 134 -25.71 5.89 4.78
CA ASP B 134 -25.43 4.47 4.68
C ASP B 134 -24.91 3.90 5.99
N TYR B 135 -24.36 4.74 6.86
CA TYR B 135 -23.80 4.35 8.16
C TYR B 135 -24.34 5.30 9.21
N PRO B 136 -25.60 5.10 9.60
CA PRO B 136 -26.19 6.05 10.55
C PRO B 136 -25.56 5.97 11.93
N ALA B 137 -25.72 7.05 12.66
CA ALA B 137 -25.43 7.05 14.09
C ALA B 137 -26.23 8.12 14.82
ZN ZN C . 9.28 -3.21 -5.36
CL CL D . 18.20 -18.43 4.25
ZN ZN E . -11.87 15.10 10.03
#